data_9BQA
#
_entry.id   9BQA
#
_cell.length_a   84.004
_cell.length_b   84.004
_cell.length_c   126.686
_cell.angle_alpha   90.00
_cell.angle_beta   90.00
_cell.angle_gamma   90.00
#
_symmetry.space_group_name_H-M   'P 41 21 2'
#
loop_
_entity.id
_entity.type
_entity.pdbx_description
1 polymer 'DNA topoisomerase 2-beta'
2 non-polymer 'PHOSPHOAMINOPHOSPHONIC ACID-ADENYLATE ESTER'
3 non-polymer 8-(3,4-dihydroquinoline-1(2H)-carbonyl)-5,7-dimethoxy-4-propyl-2H-1-benzopyran-2-one
4 non-polymer GLYCEROL
5 non-polymer 'MAGNESIUM ION'
6 water water
#
_entity_poly.entity_id   1
_entity_poly.type   'polypeptide(L)'
_entity_poly.pdbx_seq_one_letter_code
;SNASVERVYQKKTQLEHILLRPDTYIGSVEPLTQFMWVYDEDVGMNCREVTFVPGLYKIFDEILVNAADNKQRDKNMTCI
KVSIDPESNIISIWNNGKGIPVVEHKVEKVYVPALIFGQLLTSSNYDDDEKKVTGGRNGYGAKLCNIFSTKFTVETACKE
YKHSFKQTWMNNMMKTSEAKIKHFDGEDYTCITFQPDLSKFKMEKLDKDIVALMTRRAYDLAGSCRGVKVMFNGKKLPVN
GFRSYVDLYVKDKLDETGVALKVIHELANERWDVCLTLSEKGFQQISFVNSIATTKGGRHVDYVVDQVVGKLIEVVKKKN
KAGVSVKPFQVKNHIWVFINCLIENPTFDSQTKENMTLQPKSFGSKCQLSEKFFKAASNCGIVESILNWVKFKAQTQ
;
_entity_poly.pdbx_strand_id   A
#
loop_
_chem_comp.id
_chem_comp.type
_chem_comp.name
_chem_comp.formula
A1ASD non-polymer 8-(3,4-dihydroquinoline-1(2H)-carbonyl)-5,7-dimethoxy-4-propyl-2H-1-benzopyran-2-one 'C24 H25 N O5'
ANP non-polymer 'PHOSPHOAMINOPHOSPHONIC ACID-ADENYLATE ESTER' 'C10 H17 N6 O12 P3'
GOL non-polymer GLYCEROL 'C3 H8 O3'
MG non-polymer 'MAGNESIUM ION' 'Mg 2'
#
# COMPACT_ATOMS: atom_id res chain seq x y z
N ALA A 3 23.32 19.03 -34.46
CA ALA A 3 22.28 18.00 -34.45
C ALA A 3 21.04 18.48 -35.23
N SER A 4 20.44 17.57 -35.98
CA SER A 4 19.33 17.94 -36.83
C SER A 4 18.04 18.05 -36.03
N VAL A 5 17.04 18.67 -36.66
CA VAL A 5 15.71 18.78 -36.06
C VAL A 5 15.17 17.42 -35.65
N GLU A 6 15.37 16.40 -36.49
CA GLU A 6 14.78 15.10 -36.20
C GLU A 6 15.48 14.39 -35.05
N ARG A 7 16.74 14.72 -34.77
CA ARG A 7 17.41 14.16 -33.60
C ARG A 7 17.14 14.96 -32.33
N VAL A 8 16.94 16.27 -32.45
CA VAL A 8 16.69 17.08 -31.26
C VAL A 8 15.27 16.88 -30.75
N TYR A 9 14.27 17.03 -31.63
CA TYR A 9 12.87 16.94 -31.23
C TYR A 9 12.36 15.54 -31.53
N GLN A 10 12.04 14.80 -30.46
CA GLN A 10 11.65 13.41 -30.56
C GLN A 10 10.27 13.18 -29.94
N LYS A 11 9.53 12.27 -30.56
CA LYS A 11 8.29 11.75 -30.04
C LYS A 11 8.52 10.33 -29.57
N LYS A 12 7.93 9.99 -28.43
CA LYS A 12 8.01 8.65 -27.88
C LYS A 12 6.62 8.04 -27.82
N THR A 13 6.56 6.72 -27.93
CA THR A 13 5.34 6.00 -27.62
C THR A 13 5.16 5.91 -26.10
N GLN A 14 3.94 5.58 -25.69
CA GLN A 14 3.67 5.38 -24.26
C GLN A 14 4.61 4.34 -23.67
N LEU A 15 4.73 3.19 -24.34
CA LEU A 15 5.58 2.11 -23.84
C LEU A 15 7.03 2.55 -23.76
N GLU A 16 7.53 3.21 -24.81
CA GLU A 16 8.90 3.73 -24.75
C GLU A 16 9.08 4.67 -23.55
N HIS A 17 8.09 5.53 -23.32
CA HIS A 17 8.22 6.56 -22.30
C HIS A 17 8.34 5.96 -20.90
N ILE A 18 7.62 4.86 -20.65
CA ILE A 18 7.70 4.18 -19.35
C ILE A 18 9.10 3.68 -19.09
N LEU A 19 9.75 3.12 -20.10
CA LEU A 19 11.09 2.59 -19.87
C LEU A 19 12.12 3.71 -19.80
N LEU A 20 11.90 4.79 -20.54
CA LEU A 20 12.81 5.94 -20.53
C LEU A 20 12.65 6.77 -19.26
N ARG A 21 11.44 6.90 -18.77
CA ARG A 21 11.13 7.79 -17.64
C ARG A 21 10.38 7.00 -16.59
N PRO A 22 11.02 5.97 -16.02
CA PRO A 22 10.29 5.10 -15.09
C PRO A 22 9.88 5.78 -13.79
N ASP A 23 10.57 6.86 -13.41
CA ASP A 23 10.39 7.41 -12.08
C ASP A 23 8.96 7.87 -11.83
N THR A 24 8.29 8.43 -12.82
CA THR A 24 6.92 8.91 -12.62
C THR A 24 5.90 7.78 -12.60
N TYR A 25 6.28 6.59 -13.06
CA TYR A 25 5.36 5.46 -13.05
C TYR A 25 5.56 4.54 -11.84
N ILE A 26 6.80 4.22 -11.50
CA ILE A 26 7.09 3.28 -10.42
C ILE A 26 8.05 3.83 -9.38
N GLY A 27 8.52 5.06 -9.55
CA GLY A 27 9.54 5.60 -8.66
C GLY A 27 10.94 5.26 -9.14
N SER A 28 11.92 5.72 -8.36
CA SER A 28 13.31 5.61 -8.76
C SER A 28 13.72 4.18 -9.05
N VAL A 29 14.48 3.99 -10.14
CA VAL A 29 15.08 2.70 -10.45
C VAL A 29 16.54 2.64 -9.97
N GLU A 30 16.95 3.58 -9.13
CA GLU A 30 18.26 3.60 -8.50
C GLU A 30 18.14 3.22 -7.04
N PRO A 31 19.22 2.72 -6.42
CA PRO A 31 19.15 2.36 -5.01
C PRO A 31 18.87 3.56 -4.12
N LEU A 32 18.10 3.32 -3.05
CA LEU A 32 17.82 4.27 -2.00
C LEU A 32 18.16 3.67 -0.64
N THR A 33 18.81 4.45 0.22
CA THR A 33 19.12 4.02 1.58
C THR A 33 18.42 4.93 2.57
N GLN A 34 17.61 4.34 3.46
CA GLN A 34 16.92 5.15 4.45
C GLN A 34 16.46 4.27 5.61
N PHE A 35 16.19 4.92 6.74
CA PHE A 35 15.63 4.26 7.90
C PHE A 35 14.14 4.04 7.67
N MET A 36 13.67 2.82 7.98
CA MET A 36 12.27 2.51 7.80
C MET A 36 12.01 1.16 8.46
N TRP A 37 10.77 0.72 8.38
CA TRP A 37 10.32 -0.51 9.00
C TRP A 37 10.32 -1.61 7.94
N VAL A 38 10.91 -2.74 8.28
CA VAL A 38 10.84 -3.93 7.45
C VAL A 38 10.64 -5.13 8.37
N TYR A 39 10.31 -6.26 7.77
CA TYR A 39 10.07 -7.49 8.51
C TYR A 39 11.20 -8.45 8.15
N ASP A 40 12.16 -8.61 9.07
CA ASP A 40 13.34 -9.42 8.80
C ASP A 40 13.13 -10.85 9.31
N GLU A 41 13.88 -11.79 8.70
CA GLU A 41 13.80 -13.18 9.11
C GLU A 41 14.30 -13.38 10.53
N ASP A 42 15.29 -12.60 10.99
CA ASP A 42 15.84 -12.84 12.31
C ASP A 42 15.13 -12.08 13.43
N VAL A 43 14.67 -10.85 13.20
CA VAL A 43 14.12 -10.03 14.27
C VAL A 43 12.67 -9.63 14.06
N GLY A 44 12.06 -10.05 12.95
CA GLY A 44 10.70 -9.61 12.67
C GLY A 44 10.63 -8.12 12.36
N MET A 45 9.53 -7.50 12.76
CA MET A 45 9.33 -6.07 12.52
C MET A 45 10.42 -5.27 13.24
N ASN A 46 11.12 -4.42 12.51
CA ASN A 46 12.12 -3.56 13.14
C ASN A 46 12.38 -2.35 12.26
N CYS A 47 12.97 -1.32 12.88
CA CYS A 47 13.34 -0.09 12.20
C CYS A 47 14.84 -0.09 11.99
N ARG A 48 15.28 -0.02 10.75
CA ARG A 48 16.71 -0.05 10.47
C ARG A 48 16.95 0.65 9.14
N GLU A 49 18.21 0.91 8.87
CA GLU A 49 18.61 1.36 7.55
C GLU A 49 18.42 0.24 6.55
N VAL A 50 17.74 0.55 5.45
CA VAL A 50 17.39 -0.37 4.40
C VAL A 50 17.86 0.22 3.08
N THR A 51 18.47 -0.61 2.24
CA THR A 51 18.86 -0.20 0.89
C THR A 51 18.04 -1.01 -0.10
N PHE A 52 17.26 -0.30 -0.92
CA PHE A 52 16.38 -0.94 -1.87
C PHE A 52 16.11 -0.02 -3.04
N VAL A 53 15.58 -0.59 -4.12
CA VAL A 53 15.21 0.15 -5.33
C VAL A 53 13.70 0.39 -5.28
N PRO A 54 13.25 1.65 -5.17
CA PRO A 54 11.80 1.89 -5.04
C PRO A 54 10.94 1.26 -6.15
N GLY A 55 11.39 1.31 -7.40
CA GLY A 55 10.57 0.79 -8.48
C GLY A 55 10.33 -0.70 -8.38
N LEU A 56 11.29 -1.44 -7.82
CA LEU A 56 11.08 -2.86 -7.60
C LEU A 56 10.04 -3.10 -6.53
N TYR A 57 10.18 -2.44 -5.39
CA TYR A 57 9.11 -2.44 -4.39
C TYR A 57 7.76 -2.15 -5.02
N LYS A 58 7.69 -1.15 -5.89
CA LYS A 58 6.38 -0.70 -6.33
C LYS A 58 5.74 -1.66 -7.32
N ILE A 59 6.50 -2.30 -8.22
CA ILE A 59 5.82 -3.23 -9.11
C ILE A 59 5.23 -4.40 -8.32
N PHE A 60 5.91 -4.83 -7.26
CA PHE A 60 5.32 -5.81 -6.34
C PHE A 60 4.07 -5.25 -5.69
N ASP A 61 4.15 -4.01 -5.20
CA ASP A 61 3.03 -3.41 -4.51
C ASP A 61 1.81 -3.27 -5.41
N GLU A 62 2.03 -2.97 -6.70
CA GLU A 62 0.89 -2.84 -7.60
C GLU A 62 0.07 -4.12 -7.63
N ILE A 63 0.74 -5.27 -7.71
CA ILE A 63 0.04 -6.56 -7.78
C ILE A 63 -0.60 -6.89 -6.44
N LEU A 64 0.07 -6.54 -5.33
CA LEU A 64 -0.47 -6.82 -4.01
C LEU A 64 -1.75 -6.03 -3.76
N VAL A 65 -1.73 -4.72 -4.08
CA VAL A 65 -2.92 -3.89 -3.89
C VAL A 65 -4.05 -4.32 -4.82
N ASN A 66 -3.71 -4.76 -6.04
CA ASN A 66 -4.73 -5.30 -6.93
C ASN A 66 -5.43 -6.50 -6.30
N ALA A 67 -4.68 -7.36 -5.62
CA ALA A 67 -5.31 -8.48 -4.91
C ALA A 67 -6.23 -7.96 -3.80
N ALA A 68 -5.76 -6.96 -3.04
CA ALA A 68 -6.58 -6.39 -1.98
C ALA A 68 -7.85 -5.80 -2.55
N ASP A 69 -7.73 -5.15 -3.72
CA ASP A 69 -8.88 -4.52 -4.36
C ASP A 69 -9.97 -5.52 -4.70
N ASN A 70 -9.61 -6.79 -4.90
CA ASN A 70 -10.63 -7.75 -5.27
C ASN A 70 -11.62 -7.98 -4.15
N LYS A 71 -11.26 -7.66 -2.91
CA LYS A 71 -12.23 -7.76 -1.81
C LYS A 71 -13.41 -6.83 -2.02
N GLN A 72 -13.25 -5.78 -2.83
CA GLN A 72 -14.34 -4.88 -3.14
C GLN A 72 -15.20 -5.37 -4.30
N ARG A 73 -14.61 -6.14 -5.23
CA ARG A 73 -15.39 -6.80 -6.26
C ARG A 73 -16.18 -7.97 -5.69
N ASP A 74 -15.61 -8.68 -4.71
CA ASP A 74 -16.25 -9.86 -4.14
C ASP A 74 -15.99 -9.85 -2.64
N LYS A 75 -16.99 -9.40 -1.87
CA LYS A 75 -16.85 -9.33 -0.42
C LYS A 75 -16.60 -10.68 0.22
N ASN A 76 -16.91 -11.76 -0.49
CA ASN A 76 -16.70 -13.11 0.03
C ASN A 76 -15.25 -13.57 -0.02
N MET A 77 -14.37 -12.81 -0.68
CA MET A 77 -12.95 -13.15 -0.69
C MET A 77 -12.41 -13.27 0.73
N THR A 78 -11.55 -14.25 0.95
CA THR A 78 -11.02 -14.49 2.29
C THR A 78 -9.50 -14.54 2.41
N CYS A 79 -8.76 -14.68 1.31
CA CYS A 79 -7.36 -15.07 1.41
C CYS A 79 -6.52 -14.50 0.28
N ILE A 80 -5.34 -13.97 0.65
CA ILE A 80 -4.29 -13.63 -0.29
C ILE A 80 -3.03 -14.39 0.12
N LYS A 81 -2.36 -15.00 -0.85
CA LYS A 81 -1.14 -15.76 -0.59
C LYS A 81 0.01 -15.13 -1.36
N VAL A 82 1.08 -14.80 -0.66
CA VAL A 82 2.27 -14.19 -1.24
C VAL A 82 3.41 -15.20 -1.15
N SER A 83 4.15 -15.35 -2.26
CA SER A 83 5.30 -16.23 -2.33
CA SER A 83 5.31 -16.22 -2.32
C SER A 83 6.46 -15.49 -2.98
N ILE A 84 7.63 -15.54 -2.35
CA ILE A 84 8.83 -14.92 -2.89
C ILE A 84 9.96 -15.95 -2.81
N ASP A 85 10.56 -16.27 -3.95
CA ASP A 85 11.68 -17.20 -4.03
C ASP A 85 12.88 -16.49 -4.67
N PRO A 86 13.82 -15.97 -3.87
CA PRO A 86 14.96 -15.25 -4.48
C PRO A 86 15.78 -16.09 -5.43
N GLU A 87 15.98 -17.38 -5.15
CA GLU A 87 16.85 -18.21 -5.99
C GLU A 87 16.31 -18.34 -7.41
N SER A 88 15.03 -18.64 -7.56
CA SER A 88 14.41 -18.70 -8.87
C SER A 88 13.99 -17.33 -9.41
N ASN A 89 13.92 -16.32 -8.54
CA ASN A 89 13.48 -14.98 -8.91
C ASN A 89 12.00 -14.95 -9.26
N ILE A 90 11.19 -15.77 -8.60
CA ILE A 90 9.76 -15.88 -8.89
C ILE A 90 8.97 -15.32 -7.71
N ILE A 91 8.07 -14.41 -8.01
CA ILE A 91 7.12 -13.86 -7.04
C ILE A 91 5.73 -14.22 -7.53
N SER A 92 4.88 -14.67 -6.63
CA SER A 92 3.49 -14.98 -6.97
C SER A 92 2.57 -14.39 -5.91
N ILE A 93 1.46 -13.84 -6.38
CA ILE A 93 0.41 -13.28 -5.52
C ILE A 93 -0.90 -13.90 -5.97
N TRP A 94 -1.55 -14.61 -5.07
CA TRP A 94 -2.76 -15.39 -5.31
C TRP A 94 -3.85 -14.85 -4.41
N ASN A 95 -5.07 -14.79 -4.94
CA ASN A 95 -6.23 -14.39 -4.14
C ASN A 95 -7.42 -15.23 -4.57
N ASN A 96 -8.37 -15.42 -3.66
CA ASN A 96 -9.62 -16.07 -4.01
C ASN A 96 -10.71 -15.00 -4.14
N GLY A 97 -11.97 -15.39 -4.04
CA GLY A 97 -13.03 -14.54 -4.50
C GLY A 97 -13.08 -14.55 -6.02
N LYS A 98 -14.03 -13.79 -6.56
CA LYS A 98 -14.33 -13.84 -7.99
C LYS A 98 -13.08 -13.63 -8.83
N GLY A 99 -12.94 -14.47 -9.85
CA GLY A 99 -11.88 -14.30 -10.83
C GLY A 99 -12.23 -13.20 -11.82
N ILE A 100 -11.45 -13.15 -12.89
CA ILE A 100 -11.69 -12.17 -13.95
C ILE A 100 -12.46 -12.84 -15.07
N PRO A 101 -13.51 -12.21 -15.64
CA PRO A 101 -14.28 -12.87 -16.71
C PRO A 101 -13.40 -13.42 -17.82
N VAL A 102 -13.50 -14.72 -18.05
CA VAL A 102 -12.75 -15.36 -19.14
C VAL A 102 -13.68 -15.35 -20.34
N VAL A 103 -13.68 -14.24 -21.05
CA VAL A 103 -14.54 -14.06 -22.22
C VAL A 103 -13.94 -12.93 -23.04
N GLU A 104 -14.29 -12.90 -24.32
CA GLU A 104 -13.78 -11.88 -25.21
C GLU A 104 -14.50 -10.55 -25.00
N HIS A 105 -13.72 -9.48 -24.80
CA HIS A 105 -14.24 -8.12 -24.73
C HIS A 105 -14.75 -7.73 -26.11
N LYS A 106 -16.03 -7.37 -26.19
CA LYS A 106 -16.67 -7.18 -27.49
C LYS A 106 -16.27 -5.87 -28.16
N VAL A 107 -15.80 -4.89 -27.39
CA VAL A 107 -15.29 -3.66 -28.00
C VAL A 107 -13.83 -3.83 -28.40
N GLU A 108 -13.00 -4.33 -27.49
CA GLU A 108 -11.57 -4.45 -27.74
C GLU A 108 -11.17 -5.74 -28.46
N LYS A 109 -12.10 -6.68 -28.59
CA LYS A 109 -11.87 -7.92 -29.37
C LYS A 109 -10.65 -8.70 -28.88
N VAL A 110 -10.49 -8.77 -27.56
CA VAL A 110 -9.46 -9.60 -26.93
C VAL A 110 -10.03 -10.14 -25.64
N TYR A 111 -9.41 -11.19 -25.11
CA TYR A 111 -9.86 -11.71 -23.83
C TYR A 111 -9.70 -10.63 -22.76
N VAL A 112 -10.68 -10.54 -21.85
CA VAL A 112 -10.65 -9.50 -20.82
C VAL A 112 -9.33 -9.50 -20.06
N PRO A 113 -8.82 -10.64 -19.57
CA PRO A 113 -7.53 -10.59 -18.86
C PRO A 113 -6.39 -10.10 -19.74
N ALA A 114 -6.38 -10.47 -21.01
CA ALA A 114 -5.35 -9.98 -21.92
C ALA A 114 -5.43 -8.46 -22.07
N LEU A 115 -6.64 -7.93 -22.08
CA LEU A 115 -6.80 -6.48 -22.21
C LEU A 115 -6.23 -5.76 -21.00
N ILE A 116 -6.61 -6.19 -19.80
CA ILE A 116 -6.33 -5.40 -18.62
C ILE A 116 -4.97 -5.70 -17.99
N PHE A 117 -4.29 -6.76 -18.42
CA PHE A 117 -2.91 -6.99 -18.01
C PHE A 117 -1.90 -6.72 -19.10
N GLY A 118 -2.33 -6.58 -20.36
CA GLY A 118 -1.41 -6.43 -21.46
C GLY A 118 -1.53 -5.17 -22.28
N GLN A 119 -2.49 -4.29 -21.95
CA GLN A 119 -2.63 -3.01 -22.64
C GLN A 119 -2.70 -1.87 -21.63
N LEU A 120 -2.01 -0.79 -21.94
CA LEU A 120 -1.99 0.37 -21.06
C LEU A 120 -3.35 1.04 -20.97
N LEU A 121 -3.62 1.66 -19.81
CA LEU A 121 -4.80 2.51 -19.61
C LEU A 121 -6.09 1.69 -19.69
N THR A 122 -6.11 0.58 -18.98
CA THR A 122 -7.26 -0.31 -18.90
C THR A 122 -7.58 -0.56 -17.43
N SER A 123 -8.86 -0.49 -17.07
CA SER A 123 -9.24 -0.49 -15.66
C SER A 123 -10.73 -0.76 -15.53
N SER A 124 -11.10 -1.25 -14.35
CA SER A 124 -12.50 -1.28 -13.94
C SER A 124 -12.81 -0.11 -13.01
N ASN A 125 -11.87 0.81 -12.82
CA ASN A 125 -12.02 1.92 -11.87
C ASN A 125 -12.08 3.27 -12.55
N TYR A 126 -12.51 3.33 -13.80
CA TYR A 126 -12.61 4.57 -14.54
C TYR A 126 -13.96 5.26 -14.41
N ASP A 127 -14.96 4.63 -13.78
CA ASP A 127 -16.28 5.23 -13.62
C ASP A 127 -16.41 5.75 -12.19
N ASP A 128 -16.23 7.06 -12.01
CA ASP A 128 -16.21 7.62 -10.66
C ASP A 128 -17.61 7.93 -10.13
N ASP A 129 -18.65 7.76 -10.94
CA ASP A 129 -20.01 7.78 -10.41
C ASP A 129 -20.21 6.68 -9.37
N GLU A 130 -19.46 5.60 -9.49
CA GLU A 130 -19.38 4.57 -8.44
C GLU A 130 -18.32 5.01 -7.45
N LYS A 131 -18.68 5.03 -6.17
CA LYS A 131 -17.79 5.49 -5.11
C LYS A 131 -17.13 4.24 -4.51
N LYS A 132 -15.94 3.92 -5.00
CA LYS A 132 -15.26 2.69 -4.62
C LYS A 132 -14.14 2.99 -3.63
N VAL A 133 -13.87 2.03 -2.75
CA VAL A 133 -12.71 2.16 -1.87
C VAL A 133 -11.61 1.20 -2.30
N THR A 134 -11.50 0.97 -3.61
CA THR A 134 -10.33 0.31 -4.15
C THR A 134 -9.14 1.25 -4.14
N GLY A 135 -7.95 0.65 -4.11
CA GLY A 135 -6.74 1.43 -4.33
C GLY A 135 -6.51 1.74 -5.78
N GLY A 136 -7.07 0.93 -6.67
CA GLY A 136 -6.82 1.10 -8.10
C GLY A 136 -7.54 2.32 -8.62
N ARG A 137 -6.84 3.12 -9.40
CA ARG A 137 -7.46 4.31 -9.96
C ARG A 137 -7.12 4.60 -11.41
N ASN A 138 -5.94 4.19 -11.91
CA ASN A 138 -5.37 4.78 -13.13
C ASN A 138 -5.29 3.83 -14.32
N GLY A 139 -5.36 2.51 -14.09
CA GLY A 139 -5.25 1.57 -15.20
C GLY A 139 -3.85 1.33 -15.69
N TYR A 140 -2.84 1.49 -14.81
CA TYR A 140 -1.44 1.23 -15.14
C TYR A 140 -0.82 0.06 -14.38
N GLY A 141 -1.14 -0.09 -13.11
CA GLY A 141 -0.35 -0.88 -12.19
C GLY A 141 0.14 -2.22 -12.71
N ALA A 142 -0.79 -3.05 -13.15
CA ALA A 142 -0.45 -4.41 -13.56
C ALA A 142 0.43 -4.40 -14.81
N LYS A 143 0.17 -3.46 -15.73
CA LYS A 143 1.00 -3.36 -16.92
C LYS A 143 2.42 -2.92 -16.56
N LEU A 144 2.54 -2.05 -15.56
CA LEU A 144 3.86 -1.63 -15.12
C LEU A 144 4.67 -2.81 -14.58
N CYS A 145 4.05 -3.65 -13.75
CA CYS A 145 4.75 -4.85 -13.30
C CYS A 145 5.14 -5.72 -14.48
N ASN A 146 4.20 -5.96 -15.40
CA ASN A 146 4.48 -6.71 -16.62
C ASN A 146 5.67 -6.13 -17.36
N ILE A 147 5.67 -4.80 -17.57
CA ILE A 147 6.73 -4.16 -18.34
C ILE A 147 8.09 -4.31 -17.68
N PHE A 148 8.15 -4.36 -16.34
CA PHE A 148 9.41 -4.49 -15.62
C PHE A 148 9.67 -5.93 -15.16
N SER A 149 9.08 -6.90 -15.86
CA SER A 149 9.31 -8.33 -15.62
C SER A 149 9.83 -8.98 -16.89
N THR A 150 10.77 -9.90 -16.73
CA THR A 150 11.19 -10.74 -17.86
C THR A 150 10.16 -11.83 -18.17
N LYS A 151 9.32 -12.18 -17.19
CA LYS A 151 8.25 -13.15 -17.39
C LYS A 151 7.11 -12.74 -16.47
N PHE A 152 5.91 -12.70 -17.01
CA PHE A 152 4.74 -12.21 -16.29
C PHE A 152 3.57 -13.09 -16.69
N THR A 153 3.00 -13.81 -15.73
CA THR A 153 1.95 -14.80 -15.99
C THR A 153 0.68 -14.44 -15.24
N VAL A 154 -0.45 -14.52 -15.94
CA VAL A 154 -1.77 -14.27 -15.36
C VAL A 154 -2.57 -15.57 -15.45
N GLU A 155 -3.03 -16.05 -14.30
CA GLU A 155 -3.92 -17.19 -14.23
C GLU A 155 -5.18 -16.74 -13.50
N THR A 156 -6.34 -17.07 -14.06
CA THR A 156 -7.58 -16.70 -13.40
C THR A 156 -8.63 -17.71 -13.83
N ALA A 157 -9.59 -17.92 -12.94
CA ALA A 157 -10.68 -18.85 -13.18
C ALA A 157 -11.96 -18.19 -12.71
N CYS A 158 -12.96 -18.13 -13.60
CA CYS A 158 -14.24 -17.50 -13.34
C CYS A 158 -15.32 -18.54 -13.58
N LYS A 159 -15.82 -19.12 -12.50
CA LYS A 159 -16.86 -20.15 -12.61
C LYS A 159 -18.07 -19.66 -13.38
N GLU A 160 -18.41 -18.37 -13.25
CA GLU A 160 -19.55 -17.84 -13.98
C GLU A 160 -19.44 -18.13 -15.46
N TYR A 161 -18.24 -18.01 -16.03
CA TYR A 161 -18.00 -18.31 -17.44
C TYR A 161 -17.49 -19.73 -17.64
N LYS A 162 -17.30 -20.49 -16.57
CA LYS A 162 -16.93 -21.91 -16.65
C LYS A 162 -15.60 -22.13 -17.37
N HIS A 163 -14.66 -21.20 -17.23
CA HIS A 163 -13.38 -21.34 -17.89
C HIS A 163 -12.26 -20.78 -17.03
N SER A 164 -11.07 -21.36 -17.21
CA SER A 164 -9.83 -20.83 -16.68
C SER A 164 -9.03 -20.22 -17.81
N PHE A 165 -8.11 -19.33 -17.43
CA PHE A 165 -7.34 -18.53 -18.37
C PHE A 165 -5.90 -18.50 -17.89
N LYS A 166 -4.96 -18.69 -18.79
CA LYS A 166 -3.54 -18.57 -18.44
C LYS A 166 -2.81 -17.98 -19.63
N GLN A 167 -2.16 -16.86 -19.42
CA GLN A 167 -1.36 -16.22 -20.46
C GLN A 167 -0.07 -15.71 -19.84
N THR A 168 1.03 -15.89 -20.57
CA THR A 168 2.35 -15.45 -20.14
C THR A 168 2.88 -14.41 -21.10
N TRP A 169 3.41 -13.33 -20.54
CA TRP A 169 4.19 -12.35 -21.26
C TRP A 169 5.65 -12.51 -20.86
N MET A 170 6.54 -12.03 -21.73
CA MET A 170 7.97 -12.11 -21.50
C MET A 170 8.65 -10.88 -22.09
N ASN A 171 9.86 -10.60 -21.62
CA ASN A 171 10.70 -9.56 -22.20
C ASN A 171 10.02 -8.20 -22.11
N ASN A 172 9.62 -7.83 -20.90
CA ASN A 172 9.14 -6.48 -20.62
C ASN A 172 7.85 -6.18 -21.38
N MET A 173 6.96 -7.19 -21.42
CA MET A 173 5.65 -7.14 -22.06
C MET A 173 5.72 -7.02 -23.57
N MET A 174 6.86 -7.34 -24.17
CA MET A 174 7.02 -7.23 -25.61
CA MET A 174 7.05 -7.24 -25.61
C MET A 174 6.78 -8.54 -26.35
N LYS A 175 6.60 -9.65 -25.64
CA LYS A 175 6.36 -10.94 -26.26
C LYS A 175 5.26 -11.64 -25.48
N THR A 176 4.40 -12.35 -26.19
CA THR A 176 3.38 -13.17 -25.55
C THR A 176 2.99 -14.29 -26.51
N SER A 177 1.99 -15.08 -26.14
CA SER A 177 1.53 -16.19 -26.95
C SER A 177 0.10 -16.52 -26.56
N GLU A 178 -0.54 -17.34 -27.40
CA GLU A 178 -1.96 -17.61 -27.23
C GLU A 178 -2.27 -18.09 -25.82
N ALA A 179 -3.29 -17.50 -25.21
CA ALA A 179 -3.72 -17.90 -23.89
C ALA A 179 -4.24 -19.33 -23.90
N LYS A 180 -4.01 -20.05 -22.81
CA LYS A 180 -4.56 -21.39 -22.63
C LYS A 180 -5.89 -21.26 -21.89
N ILE A 181 -6.98 -21.59 -22.58
CA ILE A 181 -8.33 -21.61 -22.01
C ILE A 181 -8.73 -23.06 -21.76
N LYS A 182 -9.31 -23.32 -20.60
CA LYS A 182 -9.75 -24.66 -20.24
C LYS A 182 -11.12 -24.57 -19.57
N HIS A 183 -11.75 -25.74 -19.40
CA HIS A 183 -13.00 -25.82 -18.66
C HIS A 183 -12.74 -25.72 -17.17
N PHE A 184 -13.57 -24.95 -16.48
CA PHE A 184 -13.39 -24.72 -15.06
C PHE A 184 -14.73 -24.71 -14.36
N ASP A 185 -14.82 -25.43 -13.25
CA ASP A 185 -16.05 -25.49 -12.47
C ASP A 185 -15.79 -25.45 -10.98
N GLY A 186 -14.62 -24.97 -10.55
CA GLY A 186 -14.25 -24.92 -9.15
C GLY A 186 -14.35 -23.53 -8.58
N GLU A 187 -13.57 -23.30 -7.51
CA GLU A 187 -13.59 -22.02 -6.81
C GLU A 187 -12.68 -21.01 -7.49
N ASP A 188 -13.21 -19.80 -7.71
CA ASP A 188 -12.48 -18.79 -8.45
C ASP A 188 -11.17 -18.42 -7.76
N TYR A 189 -10.23 -17.94 -8.56
CA TYR A 189 -8.99 -17.41 -8.04
C TYR A 189 -8.35 -16.58 -9.13
N THR A 190 -7.39 -15.75 -8.73
CA THR A 190 -6.45 -15.11 -9.65
C THR A 190 -5.07 -15.28 -9.03
N CYS A 191 -4.12 -15.69 -9.86
CA CYS A 191 -2.73 -15.80 -9.45
C CYS A 191 -1.87 -15.06 -10.47
N ILE A 192 -1.12 -14.08 -10.00
CA ILE A 192 -0.15 -13.35 -10.81
C ILE A 192 1.24 -13.84 -10.39
N THR A 193 2.00 -14.36 -11.35
CA THR A 193 3.35 -14.84 -11.10
C THR A 193 4.29 -14.08 -12.03
N PHE A 194 5.34 -13.48 -11.46
CA PHE A 194 6.29 -12.73 -12.27
C PHE A 194 7.72 -12.90 -11.79
N GLN A 195 8.64 -12.76 -12.75
CA GLN A 195 10.07 -12.69 -12.50
C GLN A 195 10.52 -11.26 -12.78
N PRO A 196 10.77 -10.43 -11.76
CA PRO A 196 11.13 -9.04 -12.04
C PRO A 196 12.42 -8.98 -12.83
N ASP A 197 12.51 -7.98 -13.71
CA ASP A 197 13.67 -7.79 -14.58
C ASP A 197 14.72 -7.05 -13.78
N LEU A 198 15.52 -7.79 -13.02
CA LEU A 198 16.45 -7.16 -12.09
C LEU A 198 17.45 -6.26 -12.81
N SER A 199 17.72 -6.49 -14.10
CA SER A 199 18.65 -5.61 -14.80
C SER A 199 18.10 -4.19 -14.91
N LYS A 200 16.77 -4.03 -14.91
CA LYS A 200 16.19 -2.70 -14.95
C LYS A 200 16.47 -1.92 -13.67
N PHE A 201 16.79 -2.63 -12.58
CA PHE A 201 17.03 -2.05 -11.27
C PHE A 201 18.49 -2.21 -10.84
N LYS A 202 19.35 -2.68 -11.74
CA LYS A 202 20.78 -2.88 -11.46
C LYS A 202 20.97 -3.75 -10.23
N MET A 203 20.28 -4.89 -10.22
CA MET A 203 20.37 -5.85 -9.13
C MET A 203 20.68 -7.23 -9.71
N GLU A 204 21.35 -8.04 -8.89
CA GLU A 204 21.67 -9.40 -9.27
C GLU A 204 20.65 -10.41 -8.74
N LYS A 205 19.94 -10.07 -7.69
CA LYS A 205 19.08 -11.02 -7.00
C LYS A 205 18.17 -10.24 -6.07
N LEU A 206 17.05 -10.86 -5.71
CA LEU A 206 16.19 -10.33 -4.66
C LEU A 206 16.91 -10.53 -3.33
N ASP A 207 17.52 -9.47 -2.80
CA ASP A 207 18.36 -9.61 -1.63
C ASP A 207 17.52 -9.46 -0.36
N LYS A 208 18.20 -9.52 0.79
CA LYS A 208 17.46 -9.59 2.05
C LYS A 208 16.63 -8.33 2.27
N ASP A 209 17.15 -7.16 1.90
CA ASP A 209 16.44 -5.93 2.21
C ASP A 209 15.14 -5.81 1.42
N ILE A 210 15.18 -6.08 0.11
CA ILE A 210 13.94 -5.97 -0.67
C ILE A 210 12.94 -7.04 -0.23
N VAL A 211 13.42 -8.23 0.10
CA VAL A 211 12.51 -9.27 0.58
C VAL A 211 11.88 -8.85 1.90
N ALA A 212 12.65 -8.21 2.79
CA ALA A 212 12.10 -7.81 4.08
C ALA A 212 11.04 -6.72 3.92
N LEU A 213 11.24 -5.82 2.96
CA LEU A 213 10.24 -4.80 2.66
C LEU A 213 9.00 -5.40 2.03
N MET A 214 9.18 -6.28 1.04
CA MET A 214 8.03 -6.96 0.45
C MET A 214 7.27 -7.77 1.51
N THR A 215 8.01 -8.46 2.38
CA THR A 215 7.38 -9.22 3.46
C THR A 215 6.55 -8.30 4.36
N ARG A 216 7.11 -7.15 4.75
CA ARG A 216 6.36 -6.26 5.62
C ARG A 216 5.07 -5.80 4.95
N ARG A 217 5.09 -5.56 3.63
CA ARG A 217 3.86 -5.18 2.96
C ARG A 217 2.78 -6.26 3.12
N ALA A 218 3.19 -7.53 3.19
CA ALA A 218 2.22 -8.59 3.42
C ALA A 218 1.61 -8.47 4.81
N TYR A 219 2.44 -8.14 5.81
CA TYR A 219 1.91 -7.84 7.14
C TYR A 219 1.05 -6.59 7.13
N ASP A 220 1.46 -5.55 6.39
CA ASP A 220 0.61 -4.37 6.26
C ASP A 220 -0.80 -4.77 5.84
N LEU A 221 -0.87 -5.63 4.82
CA LEU A 221 -2.15 -6.03 4.24
C LEU A 221 -2.98 -6.82 5.23
N ALA A 222 -2.34 -7.69 6.00
CA ALA A 222 -3.04 -8.41 7.05
C ALA A 222 -3.67 -7.45 8.04
N GLY A 223 -2.99 -6.34 8.32
CA GLY A 223 -3.51 -5.36 9.25
C GLY A 223 -4.55 -4.44 8.66
N SER A 224 -4.38 -4.08 7.38
CA SER A 224 -5.20 -3.04 6.78
C SER A 224 -6.44 -3.55 6.07
N CYS A 225 -6.40 -4.76 5.51
CA CYS A 225 -7.46 -5.24 4.63
C CYS A 225 -8.42 -6.11 5.44
N ARG A 226 -9.55 -5.54 5.82
CA ARG A 226 -10.49 -6.21 6.71
C ARG A 226 -11.09 -7.43 6.04
N GLY A 227 -11.17 -8.53 6.77
CA GLY A 227 -11.81 -9.72 6.28
C GLY A 227 -10.98 -10.55 5.32
N VAL A 228 -9.68 -10.30 5.24
CA VAL A 228 -8.79 -11.05 4.35
C VAL A 228 -7.60 -11.52 5.17
N LYS A 229 -7.39 -12.83 5.18
CA LYS A 229 -6.20 -13.43 5.78
C LYS A 229 -5.07 -13.47 4.76
N VAL A 230 -3.85 -13.33 5.26
CA VAL A 230 -2.68 -13.27 4.39
C VAL A 230 -1.72 -14.39 4.77
N MET A 231 -1.20 -15.05 3.75
CA MET A 231 -0.18 -16.08 3.89
C MET A 231 1.09 -15.58 3.21
N PHE A 232 2.24 -15.87 3.82
CA PHE A 232 3.52 -15.56 3.22
C PHE A 232 4.37 -16.81 3.21
N ASN A 233 4.87 -17.17 2.04
CA ASN A 233 5.69 -18.36 1.85
C ASN A 233 5.12 -19.55 2.60
N GLY A 234 3.80 -19.70 2.53
CA GLY A 234 3.12 -20.89 2.98
C GLY A 234 2.64 -20.86 4.40
N LYS A 235 2.87 -19.77 5.13
CA LYS A 235 2.48 -19.66 6.53
C LYS A 235 1.56 -18.47 6.70
N LYS A 236 0.40 -18.72 7.31
CA LYS A 236 -0.52 -17.63 7.65
C LYS A 236 0.16 -16.64 8.58
N LEU A 237 -0.07 -15.36 8.33
CA LEU A 237 0.50 -14.32 9.19
C LEU A 237 -0.37 -14.12 10.42
N PRO A 238 0.20 -14.11 11.63
CA PRO A 238 -0.60 -14.00 12.86
C PRO A 238 -0.99 -12.55 13.17
N VAL A 239 -1.67 -11.92 12.22
CA VAL A 239 -2.15 -10.55 12.34
C VAL A 239 -3.64 -10.57 12.00
N ASN A 240 -4.48 -10.15 12.94
CA ASN A 240 -5.93 -10.22 12.80
C ASN A 240 -6.45 -8.86 13.27
N GLY A 241 -6.57 -7.93 12.33
CA GLY A 241 -7.05 -6.60 12.62
C GLY A 241 -5.91 -5.59 12.70
N PHE A 242 -6.28 -4.33 12.55
CA PHE A 242 -5.28 -3.25 12.56
C PHE A 242 -4.61 -3.14 13.93
N ARG A 243 -5.36 -3.36 15.02
CA ARG A 243 -4.77 -3.18 16.34
C ARG A 243 -3.61 -4.16 16.56
N SER A 244 -3.81 -5.44 16.20
CA SER A 244 -2.72 -6.40 16.33
C SER A 244 -1.56 -6.03 15.43
N TYR A 245 -1.85 -5.39 14.29
CA TYR A 245 -0.78 -4.92 13.42
C TYR A 245 0.00 -3.81 14.09
N VAL A 246 -0.71 -2.81 14.64
CA VAL A 246 -0.05 -1.72 15.34
C VAL A 246 0.80 -2.28 16.47
N ASP A 247 0.33 -3.34 17.13
CA ASP A 247 1.09 -3.94 18.23
C ASP A 247 2.49 -4.32 17.80
N LEU A 248 2.69 -4.71 16.53
CA LEU A 248 4.01 -5.09 16.07
C LEU A 248 5.03 -3.95 16.20
N TYR A 249 4.54 -2.70 16.21
CA TYR A 249 5.39 -1.53 16.36
C TYR A 249 5.57 -1.08 17.80
N VAL A 250 4.53 -1.16 18.63
CA VAL A 250 4.58 -0.42 19.88
C VAL A 250 4.31 -1.25 21.12
N LYS A 251 3.96 -2.52 20.95
CA LYS A 251 3.57 -3.29 22.13
C LYS A 251 4.74 -3.52 23.08
N ASP A 252 5.95 -3.71 22.55
CA ASP A 252 7.11 -4.02 23.39
C ASP A 252 8.05 -2.84 23.58
N LYS A 253 7.54 -1.61 23.43
CA LYS A 253 8.36 -0.42 23.34
C LYS A 253 8.20 0.45 24.59
N LEU A 254 9.30 1.11 24.97
CA LEU A 254 9.33 2.02 26.10
C LEU A 254 9.61 3.43 25.59
N ASP A 255 9.17 4.43 26.36
CA ASP A 255 9.63 5.79 26.11
C ASP A 255 11.01 5.95 26.73
N GLU A 256 11.62 7.12 26.48
CA GLU A 256 12.99 7.32 26.92
C GLU A 256 13.13 7.29 28.44
N THR A 257 12.04 7.49 29.18
CA THR A 257 12.09 7.44 30.64
C THR A 257 11.92 6.03 31.18
N GLY A 258 11.80 5.03 30.31
CA GLY A 258 11.62 3.66 30.74
C GLY A 258 10.19 3.26 31.04
N VAL A 259 9.21 4.00 30.53
CA VAL A 259 7.80 3.69 30.74
C VAL A 259 7.21 3.21 29.42
N ALA A 260 6.44 2.13 29.48
CA ALA A 260 5.84 1.58 28.27
C ALA A 260 5.02 2.66 27.57
N LEU A 261 5.08 2.67 26.25
CA LEU A 261 4.25 3.56 25.47
C LEU A 261 2.78 3.27 25.73
N LYS A 262 2.02 4.30 26.08
CA LYS A 262 0.57 4.17 26.16
C LYS A 262 0.00 4.37 24.77
N VAL A 263 -0.69 3.35 24.26
CA VAL A 263 -1.27 3.37 22.93
C VAL A 263 -2.79 3.47 23.09
N ILE A 264 -3.40 4.42 22.42
CA ILE A 264 -4.84 4.60 22.51
C ILE A 264 -5.43 4.42 21.12
N HIS A 265 -6.63 3.84 21.08
CA HIS A 265 -7.22 3.34 19.85
C HIS A 265 -8.67 3.74 19.80
N GLU A 266 -9.13 4.11 18.62
CA GLU A 266 -10.55 4.31 18.37
C GLU A 266 -10.85 3.81 16.97
N LEU A 267 -11.78 2.85 16.87
CA LEU A 267 -12.41 2.52 15.58
C LEU A 267 -13.60 3.45 15.45
N ALA A 268 -13.39 4.61 14.82
CA ALA A 268 -14.45 5.61 14.74
C ALA A 268 -15.66 5.06 13.98
N ASN A 269 -15.42 4.34 12.90
CA ASN A 269 -16.45 3.64 12.16
C ASN A 269 -15.75 2.62 11.29
N GLU A 270 -16.54 1.93 10.45
CA GLU A 270 -16.00 0.86 9.63
C GLU A 270 -14.86 1.35 8.76
N ARG A 271 -14.81 2.65 8.46
CA ARG A 271 -13.87 3.15 7.47
C ARG A 271 -12.64 3.81 8.08
N TRP A 272 -12.56 3.94 9.41
CA TRP A 272 -11.51 4.68 10.08
C TRP A 272 -11.07 3.96 11.34
N ASP A 273 -9.81 3.56 11.41
CA ASP A 273 -9.21 2.98 12.59
C ASP A 273 -7.98 3.81 12.91
N VAL A 274 -7.87 4.30 14.14
CA VAL A 274 -6.82 5.25 14.51
C VAL A 274 -6.19 4.81 15.82
N CYS A 275 -4.86 4.72 15.83
CA CYS A 275 -4.10 4.54 17.05
C CYS A 275 -3.13 5.71 17.20
N LEU A 276 -2.83 6.06 18.45
CA LEU A 276 -1.97 7.20 18.76
C LEU A 276 -1.09 6.86 19.93
N THR A 277 0.18 7.24 19.84
CA THR A 277 1.06 7.18 20.99
C THR A 277 2.08 8.31 20.89
N LEU A 278 2.97 8.34 21.87
CA LEU A 278 4.02 9.35 21.94
C LEU A 278 5.16 9.01 21.00
N SER A 279 5.67 10.03 20.32
CA SER A 279 6.92 9.92 19.58
C SER A 279 8.00 10.73 20.27
N GLU A 280 9.23 10.22 20.24
CA GLU A 280 10.40 10.94 20.74
C GLU A 280 11.44 11.15 19.65
N LYS A 281 11.05 10.98 18.40
CA LYS A 281 11.93 11.26 17.28
C LYS A 281 11.19 12.10 16.24
N GLY A 282 10.43 13.08 16.70
CA GLY A 282 9.66 13.92 15.83
C GLY A 282 8.41 13.22 15.32
N PHE A 283 7.61 13.98 14.58
CA PHE A 283 6.35 13.44 14.07
C PHE A 283 6.57 12.15 13.29
N GLN A 284 5.77 11.14 13.59
CA GLN A 284 5.79 9.88 12.87
C GLN A 284 4.36 9.50 12.50
N GLN A 285 4.18 9.01 11.27
CA GLN A 285 2.88 8.51 10.86
C GLN A 285 3.06 7.21 10.10
N ILE A 286 2.17 6.25 10.38
CA ILE A 286 2.01 5.04 9.57
C ILE A 286 0.56 5.01 9.14
N SER A 287 0.32 5.07 7.83
CA SER A 287 -1.05 5.21 7.35
C SER A 287 -1.27 4.42 6.08
N PHE A 288 -2.53 3.99 5.91
CA PHE A 288 -2.97 3.23 4.75
C PHE A 288 -4.28 3.82 4.26
N VAL A 289 -4.38 3.98 2.94
CA VAL A 289 -5.61 4.33 2.26
C VAL A 289 -5.95 3.18 1.33
N ASN A 290 -7.07 2.51 1.57
CA ASN A 290 -7.50 1.42 0.70
C ASN A 290 -6.36 0.42 0.48
N SER A 291 -5.63 0.14 1.58
CA SER A 291 -4.53 -0.81 1.69
C SER A 291 -3.26 -0.39 0.95
N ILE A 292 -3.22 0.85 0.44
CA ILE A 292 -1.99 1.45 -0.05
C ILE A 292 -1.24 2.07 1.13
N ALA A 293 0.05 1.80 1.24
CA ALA A 293 0.88 2.47 2.25
C ALA A 293 1.14 3.90 1.80
N THR A 294 0.52 4.87 2.46
CA THR A 294 0.70 6.29 2.09
C THR A 294 1.93 6.84 2.81
N THR A 295 3.09 6.55 2.23
CA THR A 295 4.35 6.75 2.92
C THR A 295 4.80 8.21 2.93
N LYS A 296 4.13 9.10 2.21
CA LYS A 296 4.30 10.54 2.38
C LYS A 296 3.11 11.18 3.09
N GLY A 297 2.11 10.39 3.51
CA GLY A 297 0.95 10.91 4.19
C GLY A 297 -0.11 11.41 3.26
N GLY A 298 -0.75 12.52 3.61
CA GLY A 298 -1.77 13.12 2.79
C GLY A 298 -2.83 13.75 3.66
N ARG A 299 -3.94 14.13 3.02
CA ARG A 299 -4.98 14.88 3.71
CA ARG A 299 -4.99 14.88 3.70
C ARG A 299 -5.66 14.03 4.79
N HIS A 300 -5.65 12.71 4.64
CA HIS A 300 -6.22 11.87 5.69
C HIS A 300 -5.39 11.92 6.96
N VAL A 301 -4.05 11.94 6.83
CA VAL A 301 -3.20 12.11 8.01
C VAL A 301 -3.45 13.46 8.66
N ASP A 302 -3.35 14.54 7.87
CA ASP A 302 -3.59 15.87 8.43
C ASP A 302 -4.96 15.97 9.07
N TYR A 303 -5.97 15.36 8.45
CA TYR A 303 -7.32 15.40 8.98
C TYR A 303 -7.38 14.86 10.40
N VAL A 304 -6.79 13.69 10.63
CA VAL A 304 -6.80 13.08 11.96
C VAL A 304 -5.90 13.86 12.90
N VAL A 305 -4.67 14.14 12.47
CA VAL A 305 -3.70 14.78 13.36
C VAL A 305 -4.19 16.16 13.80
N ASP A 306 -4.71 16.95 12.86
CA ASP A 306 -5.20 18.29 13.21
C ASP A 306 -6.20 18.24 14.36
N GLN A 307 -7.10 17.24 14.36
CA GLN A 307 -8.04 17.12 15.46
C GLN A 307 -7.31 16.91 16.78
N VAL A 308 -6.36 15.97 16.78
CA VAL A 308 -5.61 15.68 18.00
C VAL A 308 -4.87 16.93 18.46
N VAL A 309 -4.12 17.55 17.54
CA VAL A 309 -3.34 18.73 17.88
C VAL A 309 -4.21 19.81 18.47
N GLY A 310 -5.40 20.02 17.89
CA GLY A 310 -6.30 21.03 18.41
C GLY A 310 -6.74 20.76 19.83
N LYS A 311 -7.12 19.52 20.12
CA LYS A 311 -7.62 19.20 21.45
C LYS A 311 -6.49 19.23 22.47
N LEU A 312 -5.28 18.80 22.09
CA LEU A 312 -4.18 18.78 23.04
C LEU A 312 -3.70 20.19 23.37
N ILE A 313 -3.79 21.13 22.42
CA ILE A 313 -3.46 22.51 22.74
C ILE A 313 -4.43 23.05 23.78
N GLU A 314 -5.70 22.62 23.73
CA GLU A 314 -6.66 23.03 24.75
C GLU A 314 -6.22 22.55 26.13
N VAL A 315 -5.82 21.28 26.22
CA VAL A 315 -5.43 20.71 27.51
C VAL A 315 -4.19 21.43 28.05
N VAL A 316 -3.17 21.59 27.20
CA VAL A 316 -1.96 22.29 27.64
C VAL A 316 -2.27 23.72 28.02
N LYS A 317 -3.27 24.34 27.37
CA LYS A 317 -3.60 25.73 27.66
C LYS A 317 -4.29 25.88 29.01
N LYS A 318 -5.03 24.84 29.44
CA LYS A 318 -5.58 24.82 30.78
C LYS A 318 -4.51 24.71 31.86
N LYS A 319 -3.24 24.54 31.47
CA LYS A 319 -2.16 24.38 32.44
C LYS A 319 -1.02 25.34 32.12
N ASN A 320 -0.88 25.73 30.85
CA ASN A 320 0.11 26.73 30.46
C ASN A 320 -0.33 28.10 30.95
N LYS A 321 -0.41 28.26 32.26
CA LYS A 321 -0.82 29.53 32.85
C LYS A 321 0.29 30.56 32.69
N VAL A 324 5.07 29.71 27.01
CA VAL A 324 3.82 30.47 26.97
C VAL A 324 2.98 30.02 25.78
N SER A 325 3.46 30.31 24.57
CA SER A 325 2.78 29.92 23.35
C SER A 325 3.25 28.53 22.92
N VAL A 326 2.32 27.58 22.90
CA VAL A 326 2.58 26.23 22.40
C VAL A 326 2.07 26.15 20.98
N LYS A 327 2.96 25.90 20.04
CA LYS A 327 2.62 25.93 18.63
C LYS A 327 2.26 24.54 18.13
N PRO A 328 1.34 24.45 17.16
CA PRO A 328 0.95 23.11 16.67
C PRO A 328 2.12 22.23 16.29
N PHE A 329 3.13 22.76 15.58
CA PHE A 329 4.21 21.90 15.13
C PHE A 329 4.96 21.28 16.31
N GLN A 330 4.96 21.94 17.47
CA GLN A 330 5.59 21.38 18.66
C GLN A 330 4.78 20.21 19.20
N VAL A 331 3.46 20.33 19.21
CA VAL A 331 2.60 19.21 19.58
C VAL A 331 2.75 18.08 18.58
N LYS A 332 2.60 18.39 17.28
CA LYS A 332 2.74 17.38 16.25
C LYS A 332 4.08 16.66 16.37
N ASN A 333 5.10 17.35 16.89
CA ASN A 333 6.43 16.77 17.00
C ASN A 333 6.48 15.60 17.99
N HIS A 334 5.48 15.44 18.85
CA HIS A 334 5.46 14.38 19.84
C HIS A 334 4.45 13.29 19.52
N ILE A 335 3.90 13.27 18.31
CA ILE A 335 2.81 12.37 17.95
C ILE A 335 3.36 11.25 17.07
N TRP A 336 2.98 10.01 17.39
CA TRP A 336 3.10 8.87 16.50
C TRP A 336 1.69 8.38 16.23
N VAL A 337 1.20 8.52 15.00
CA VAL A 337 -0.17 8.19 14.66
C VAL A 337 -0.18 7.01 13.68
N PHE A 338 -1.16 6.14 13.85
CA PHE A 338 -1.40 5.01 12.97
C PHE A 338 -2.82 5.15 12.43
N ILE A 339 -2.98 5.09 11.11
CA ILE A 339 -4.29 5.28 10.49
C ILE A 339 -4.53 4.21 9.43
N ASN A 340 -5.67 3.53 9.54
CA ASN A 340 -6.16 2.68 8.46
C ASN A 340 -7.52 3.19 8.02
N CYS A 341 -7.63 3.63 6.76
CA CYS A 341 -8.89 4.23 6.34
C CYS A 341 -9.28 3.77 4.94
N LEU A 342 -10.57 3.92 4.68
CA LEU A 342 -11.17 3.65 3.37
C LEU A 342 -11.74 4.95 2.82
N ILE A 343 -11.18 5.41 1.71
CA ILE A 343 -11.52 6.69 1.09
C ILE A 343 -12.18 6.40 -0.25
N GLU A 344 -13.30 7.06 -0.52
CA GLU A 344 -13.93 6.93 -1.83
C GLU A 344 -13.12 7.67 -2.89
N ASN A 345 -12.84 6.99 -3.99
CA ASN A 345 -12.16 7.53 -5.17
C ASN A 345 -11.02 8.47 -4.81
N PRO A 346 -10.01 7.98 -4.10
CA PRO A 346 -8.90 8.84 -3.67
C PRO A 346 -8.12 9.39 -4.85
N THR A 347 -7.46 10.52 -4.62
CA THR A 347 -6.52 11.08 -5.57
C THR A 347 -5.13 11.10 -4.95
N PHE A 348 -4.11 11.04 -5.82
CA PHE A 348 -2.70 11.10 -5.44
C PHE A 348 -1.93 11.89 -6.48
N ASP A 349 -0.79 12.47 -6.09
CA ASP A 349 -0.02 13.25 -7.06
C ASP A 349 0.91 12.38 -7.91
N SER A 350 0.92 11.06 -7.72
CA SER A 350 1.77 10.19 -8.52
CA SER A 350 1.77 10.19 -8.52
C SER A 350 1.16 8.79 -8.59
N GLN A 351 1.60 8.04 -9.61
CA GLN A 351 1.16 6.65 -9.71
C GLN A 351 1.59 5.84 -8.49
N THR A 352 2.68 6.24 -7.84
CA THR A 352 3.17 5.47 -6.71
C THR A 352 2.32 5.67 -5.45
N LYS A 353 1.48 6.71 -5.42
CA LYS A 353 0.41 6.84 -4.42
C LYS A 353 0.95 6.97 -3.00
N GLU A 354 2.07 7.66 -2.86
CA GLU A 354 2.66 7.90 -1.54
C GLU A 354 1.93 9.01 -0.79
N ASN A 355 1.30 9.94 -1.50
CA ASN A 355 0.70 11.12 -0.90
C ASN A 355 -0.74 11.25 -1.38
N MET A 356 -1.69 11.13 -0.47
CA MET A 356 -3.11 11.15 -0.83
C MET A 356 -3.64 12.58 -0.70
N THR A 357 -4.07 13.16 -1.82
CA THR A 357 -4.37 14.58 -1.92
C THR A 357 -5.86 14.90 -1.87
N LEU A 358 -6.75 13.92 -1.79
CA LEU A 358 -8.17 14.23 -1.79
C LEU A 358 -8.53 15.02 -0.54
N GLN A 359 -9.29 16.10 -0.71
CA GLN A 359 -9.71 16.89 0.44
C GLN A 359 -10.74 16.15 1.28
N PRO A 360 -10.73 16.38 2.60
CA PRO A 360 -11.60 15.60 3.49
C PRO A 360 -13.08 15.67 3.17
N LYS A 361 -13.58 16.80 2.70
CA LYS A 361 -15.00 16.88 2.39
C LYS A 361 -15.41 15.88 1.32
N SER A 362 -14.44 15.35 0.56
CA SER A 362 -14.71 14.37 -0.48
C SER A 362 -14.48 12.94 -0.03
N PHE A 363 -14.15 12.70 1.24
CA PHE A 363 -13.72 11.37 1.64
C PHE A 363 -14.84 10.33 1.50
N GLY A 364 -16.09 10.75 1.52
CA GLY A 364 -17.22 9.85 1.65
C GLY A 364 -17.55 9.45 3.07
N SER A 365 -16.76 9.87 4.05
CA SER A 365 -16.97 9.52 5.44
C SER A 365 -16.21 10.51 6.30
N LYS A 366 -16.53 10.52 7.58
CA LYS A 366 -15.87 11.36 8.56
C LYS A 366 -15.21 10.50 9.61
N CYS A 367 -14.24 11.09 10.30
CA CYS A 367 -13.59 10.50 11.46
C CYS A 367 -13.51 11.56 12.54
N GLN A 368 -14.63 11.80 13.22
CA GLN A 368 -14.64 12.69 14.37
C GLN A 368 -14.31 11.86 15.60
N LEU A 369 -13.14 12.09 16.16
CA LEU A 369 -12.69 11.31 17.30
C LEU A 369 -13.50 11.69 18.54
N SER A 370 -13.86 10.67 19.33
CA SER A 370 -14.73 10.87 20.46
C SER A 370 -14.02 11.64 21.58
N GLU A 371 -14.80 12.12 22.53
CA GLU A 371 -14.23 12.79 23.70
C GLU A 371 -13.48 11.80 24.58
N LYS A 372 -13.89 10.53 24.58
CA LYS A 372 -13.13 9.53 25.32
C LYS A 372 -11.72 9.38 24.74
N PHE A 373 -11.62 9.32 23.40
CA PHE A 373 -10.31 9.23 22.77
C PHE A 373 -9.44 10.43 23.12
N PHE A 374 -10.02 11.63 23.06
CA PHE A 374 -9.24 12.83 23.34
C PHE A 374 -8.78 12.86 24.79
N LYS A 375 -9.64 12.46 25.72
CA LYS A 375 -9.23 12.35 27.12
C LYS A 375 -8.03 11.42 27.26
N ALA A 376 -8.05 10.28 26.58
CA ALA A 376 -6.93 9.36 26.65
C ALA A 376 -5.68 9.95 26.01
N ALA A 377 -5.84 10.63 24.87
CA ALA A 377 -4.70 11.26 24.21
C ALA A 377 -4.02 12.27 25.11
N SER A 378 -4.78 12.89 26.03
CA SER A 378 -4.20 13.85 26.96
C SER A 378 -3.47 13.16 28.10
N ASN A 379 -3.42 11.83 28.12
CA ASN A 379 -2.75 11.07 29.17
C ASN A 379 -1.69 10.11 28.66
N CYS A 380 -1.41 10.08 27.35
N CYS A 380 -1.42 10.09 27.35
CA CYS A 380 -0.43 9.16 26.80
CA CYS A 380 -0.44 9.16 26.81
C CYS A 380 0.98 9.74 26.78
C CYS A 380 1.00 9.57 27.12
N GLY A 381 1.21 10.81 27.53
CA GLY A 381 2.55 11.36 27.70
C GLY A 381 2.91 12.46 26.74
N ILE A 382 2.06 12.73 25.75
CA ILE A 382 2.32 13.85 24.84
C ILE A 382 2.18 15.17 25.57
N VAL A 383 1.11 15.31 26.37
CA VAL A 383 0.89 16.55 27.11
C VAL A 383 2.03 16.79 28.09
N GLU A 384 2.49 15.73 28.76
CA GLU A 384 3.55 15.89 29.75
C GLU A 384 4.84 16.36 29.09
N SER A 385 5.18 15.78 27.93
CA SER A 385 6.37 16.22 27.21
C SER A 385 6.29 17.70 26.85
N ILE A 386 5.12 18.14 26.38
CA ILE A 386 4.93 19.54 26.06
C ILE A 386 5.04 20.40 27.31
N LEU A 387 4.26 20.06 28.35
CA LEU A 387 4.29 20.84 29.58
C LEU A 387 5.69 20.90 30.17
N ASN A 388 6.45 19.81 30.07
CA ASN A 388 7.84 19.84 30.53
C ASN A 388 8.63 20.90 29.78
N TRP A 389 8.33 21.10 28.49
CA TRP A 389 9.06 22.08 27.69
C TRP A 389 8.55 23.50 27.93
N VAL A 390 7.28 23.66 28.32
CA VAL A 390 6.76 24.99 28.59
C VAL A 390 7.57 25.68 29.68
N LYS A 391 8.35 24.92 30.45
CA LYS A 391 9.19 25.50 31.49
C LYS A 391 10.44 26.14 30.91
N PHE A 392 10.91 25.65 29.78
CA PHE A 392 12.09 26.23 29.11
C PHE A 392 11.66 27.16 27.98
PG ANP B . -3.94 1.46 -10.85
O1G ANP B . -3.45 0.33 -10.01
O2G ANP B . -2.97 1.81 -12.04
O3G ANP B . -4.17 2.80 -10.03
PB ANP B . -6.02 -0.44 -11.64
O1B ANP B . -5.87 -1.28 -10.41
O2B ANP B . -7.53 -0.33 -12.02
N3B ANP B . -5.51 1.13 -11.39
PA ANP B . -4.30 -2.28 -12.91
O1A ANP B . -3.52 -2.21 -14.17
O2A ANP B . -3.54 -2.39 -11.58
O3A ANP B . -5.29 -1.04 -12.87
O5' ANP B . -5.28 -3.49 -13.05
C5' ANP B . -6.10 -3.53 -14.22
C4' ANP B . -7.42 -4.15 -13.88
O4' ANP B . -7.26 -5.57 -13.73
C3' ANP B . -8.05 -3.68 -12.57
O3' ANP B . -8.80 -2.49 -12.79
C2' ANP B . -8.95 -4.86 -12.20
O2' ANP B . -10.20 -4.78 -12.86
C1' ANP B . -8.19 -6.06 -12.78
N9 ANP B . -7.46 -6.86 -11.80
C8 ANP B . -6.13 -6.77 -11.47
N7 ANP B . -5.75 -7.63 -10.57
C5 ANP B . -6.91 -8.33 -10.27
C6 ANP B . -7.18 -9.38 -9.37
N6 ANP B . -6.26 -9.93 -8.56
N1 ANP B . -8.44 -9.86 -9.33
C2 ANP B . -9.37 -9.32 -10.13
N3 ANP B . -9.23 -8.33 -11.02
C4 ANP B . -7.97 -7.87 -11.03
HNB1 ANP B . -6.05 1.45 -10.72
H5'1 ANP B . -6.24 -2.62 -14.53
H5'2 ANP B . -5.67 -4.06 -14.91
H4' ANP B . -8.07 -4.00 -14.60
H3' ANP B . -7.37 -3.55 -11.91
HO3' ANP B . -8.95 -2.07 -12.03
H2' ANP B . -8.99 -4.92 -11.23
HO2' ANP B . -10.77 -5.34 -12.48
H1' ANP B . -8.85 -6.61 -13.23
H8 ANP B . -5.54 -6.14 -11.88
HN61 ANP B . -6.50 -10.59 -7.97
HN62 ANP B . -5.40 -9.62 -8.59
H2 ANP B . -10.26 -9.69 -10.05
C1 A1ASD C . 9.74 4.71 -1.67
C2 A1ASD C . 8.13 3.24 4.28
C3 A1ASD C . 4.46 0.69 7.23
C4 A1ASD C . 9.26 5.27 3.80
O1 A1ASD C . 9.77 6.11 2.88
C6 A1ASD C . 8.16 3.49 5.65
O3 A1ASD C . 8.77 4.80 7.43
C A1ASD C . 9.32 5.54 5.17
C10 A1ASD C . 8.77 4.65 6.09
C11 A1ASD C . 9.04 3.85 -0.61
C12 A1ASD C . 9.05 4.53 0.77
C13 A1ASD C . 10.05 7.44 3.27
C14 A1ASD C . 8.53 3.68 1.91
C15 A1ASD C . 7.39 1.64 2.64
C16 A1ASD C . 5.23 3.30 6.50
C17 A1ASD C . 7.92 2.51 1.63
C18 A1ASD C . 8.66 4.08 3.30
C19 A1ASD C . 3.01 3.62 5.71
C1A A1ASD C . 4.06 2.77 6.02
C1B A1ASD C . 5.81 1.27 7.71
C1C A1ASD C . 3.98 1.28 5.90
C1D A1ASD C . 4.35 5.52 6.37
C1E A1ASD C . 3.16 5.00 5.87
C7 A1ASD C . 9.60 5.81 8.02
C8 A1ASD C . 5.41 4.67 6.69
C9 A1ASD C . 7.58 2.44 6.55
N2 A1ASD C . 6.25 2.37 6.85
O4 A1ASD C . 6.83 0.58 2.46
O5 A1ASD C . 8.34 1.58 6.95
O6 A1ASD C . 7.52 2.06 3.95
H1A A1ASD C . 9.65 4.24 -2.63
H1C A1ASD C . 10.79 4.82 -1.40
H1B A1ASD C . 9.27 5.69 -1.69
H3A A1ASD C . 4.57 -0.38 7.12
H3B A1ASD C . 3.72 0.90 7.99
H A1ASD C . 9.80 6.45 5.52
H11A A1ASD C . 8.02 3.68 -0.92
H11B A1ASD C . 9.55 2.89 -0.55
H12B A1ASD C . 10.08 4.79 1.00
H12A A1ASD C . 8.45 5.41 0.71
H13A A1ASD C . 10.38 8.02 2.40
H13C A1ASD C . 10.84 7.45 4.01
H13B A1ASD C . 9.17 7.89 3.69
H17 A1ASD C . 7.83 2.20 0.59
H19 A1ASD C . 2.07 3.23 5.35
H1BB A1ASD C . 6.55 0.48 7.66
H1BA A1ASD C . 5.67 1.66 8.71
H1CA A1ASD C . 4.63 0.94 5.11
H1CB A1ASD C . 2.95 0.98 5.73
H1D A1ASD C . 4.46 6.58 6.50
H1E A1ASD C . 2.35 5.66 5.63
H7C A1ASD C . 9.51 5.75 9.10
H7A A1ASD C . 9.27 6.78 7.68
H7B A1ASD C . 10.63 5.65 7.73
H8 A1ASD C . 6.33 5.07 7.08
C1 GOL D . -10.93 0.52 9.40
O1 GOL D . -10.52 1.18 8.23
C2 GOL D . -11.05 -0.98 9.07
O2 GOL D . -11.21 -1.20 7.67
C3 GOL D . -9.82 -1.77 9.62
O3 GOL D . -9.12 -1.00 10.55
H11 GOL D . -10.31 0.63 10.13
H12 GOL D . -11.79 0.83 9.73
HO1 GOL D . -11.00 1.89 8.16
H2 GOL D . -11.84 -1.31 9.54
HO2 GOL D . -10.61 -1.74 7.40
H31 GOL D . -10.14 -2.61 10.00
H32 GOL D . -9.27 -2.03 8.87
HO3 GOL D . -9.58 -1.02 11.27
MG MG E . -3.94 -1.53 -9.76
#